data_3B7Z
#
_entry.id   3B7Z
#
_cell.length_a   49.354
_cell.length_b   72.931
_cell.length_c   97.594
_cell.angle_alpha   90.000
_cell.angle_beta   90.000
_cell.angle_gamma   90.000
#
_symmetry.space_group_name_H-M   'P 21 21 21'
#
loop_
_entity.id
_entity.type
_entity.pdbx_description
1 polymer 'Uncharacterized protein YKL091C'
2 non-polymer '(1R)-2-{[(S)-hydroxy{[(1S,2R,3R,4S,5S,6R)-2,3,4,5,6-pentahydroxycyclohexyl]oxy}phosphoryl]oxy}-1-[(octadecanoyloxy)methyl]ethyl (9Z)-octadec-9-enoate'
3 non-polymer '(4S,7R)-4-HYDROXY-N,N,N-TRIMETHYL-9-OXO-7-[(PALMITOYLOXY)METHYL]-3,5,8-TRIOXA-4-PHOSPHAHEXACOSAN-1-AMINIUM 4-OXIDE'
4 water water
#
_entity_poly.entity_id   1
_entity_poly.type   'polypeptide(L)'
_entity_poly.pdbx_seq_one_letter_code
;MGHHHHHHHHMTTSILDTYPQICSPNALPGTPGNLTKEQEEALLQFRSILLEKNYKERLDDSTLLRFLRARKFDINASVE
MFVETERWREEYGANTIIEDYENNKEAEDKERIKLAKMYPQYYHHVDKDGRPLYFEELGGINLKKMYKITTEKQMLRNLV
KEYELFATYRVPACSRRAGYLIETSCTVLDLKGISLSNAYHVLSYIKDVADISQNYYPERMGKFYIIHSPFGFSTMFKMV
KPFLDPVTVSKIFILGSSYKKELLKQIPIENLPVKYGGTSVLHNPNDKFYYSDIGPWRDPRYIGPEGEIPNIFGKFTVTS
;
_entity_poly.pdbx_strand_id   A
#
# COMPACT_ATOMS: atom_id res chain seq x y z
N SER A 14 19.92 -13.07 5.15
CA SER A 14 18.98 -12.42 4.20
C SER A 14 18.96 -10.92 4.44
N ILE A 15 18.16 -10.20 3.65
CA ILE A 15 18.04 -8.76 3.80
C ILE A 15 17.40 -8.43 5.14
N LEU A 16 16.55 -9.34 5.62
CA LEU A 16 15.85 -9.15 6.88
C LEU A 16 16.77 -8.76 8.03
N ASP A 17 18.03 -9.17 7.94
CA ASP A 17 19.00 -8.85 8.99
C ASP A 17 19.47 -7.41 8.91
N THR A 18 19.04 -6.69 7.88
CA THR A 18 19.45 -5.30 7.72
C THR A 18 18.40 -4.28 8.17
N TYR A 19 17.28 -4.76 8.68
CA TYR A 19 16.24 -3.86 9.20
C TYR A 19 15.42 -4.56 10.27
N PRO A 20 14.84 -3.78 11.19
CA PRO A 20 14.03 -4.32 12.29
C PRO A 20 12.95 -5.31 11.86
N GLN A 21 12.83 -6.40 12.61
CA GLN A 21 11.83 -7.42 12.31
C GLN A 21 10.77 -7.51 13.42
N ILE A 22 10.84 -6.61 14.40
CA ILE A 22 9.85 -6.59 15.46
C ILE A 22 9.19 -5.23 15.46
N CYS A 23 7.86 -5.22 15.57
CA CYS A 23 7.11 -3.98 15.55
C CYS A 23 7.36 -3.15 16.81
N SER A 24 6.80 -1.94 16.83
CA SER A 24 6.95 -1.04 17.96
C SER A 24 6.31 -1.67 19.19
N PRO A 25 6.70 -1.21 20.39
CA PRO A 25 6.14 -1.75 21.64
C PRO A 25 4.64 -1.53 21.81
N ASN A 26 4.04 -0.72 20.94
CA ASN A 26 2.61 -0.43 21.01
C ASN A 26 1.74 -1.39 20.17
N ALA A 27 2.38 -2.16 19.31
CA ALA A 27 1.66 -3.10 18.45
C ALA A 27 0.86 -4.14 19.25
N LEU A 28 -0.30 -4.52 18.72
CA LEU A 28 -1.17 -5.50 19.38
C LEU A 28 -0.63 -6.91 19.28
N PRO A 29 -0.96 -7.78 20.25
CA PRO A 29 -0.45 -9.15 20.18
C PRO A 29 -0.89 -9.76 18.85
N GLY A 30 -0.03 -10.61 18.29
CA GLY A 30 -0.33 -11.24 17.02
C GLY A 30 0.62 -10.67 15.97
N THR A 31 1.36 -9.63 16.36
CA THR A 31 2.33 -8.97 15.49
C THR A 31 3.75 -9.38 15.88
N PRO A 32 4.72 -9.25 14.96
CA PRO A 32 6.12 -9.60 15.22
C PRO A 32 6.68 -8.96 16.48
N GLY A 33 7.03 -9.78 17.46
CA GLY A 33 7.60 -9.26 18.70
C GLY A 33 6.64 -9.22 19.86
N ASN A 34 5.38 -9.53 19.61
CA ASN A 34 4.37 -9.53 20.66
C ASN A 34 3.33 -10.60 20.42
N LEU A 35 3.69 -11.84 20.69
CA LEU A 35 2.78 -12.96 20.51
C LEU A 35 2.51 -13.66 21.83
N THR A 36 1.32 -14.22 21.97
CA THR A 36 0.98 -14.96 23.17
C THR A 36 1.66 -16.31 22.95
N LYS A 37 1.74 -17.12 23.99
CA LYS A 37 2.37 -18.42 23.86
C LYS A 37 1.67 -19.22 22.77
N GLU A 38 0.34 -19.14 22.74
CA GLU A 38 -0.45 -19.86 21.75
C GLU A 38 -0.13 -19.41 20.33
N GLN A 39 -0.02 -18.10 20.13
CA GLN A 39 0.29 -17.54 18.83
C GLN A 39 1.68 -17.96 18.34
N GLU A 40 2.67 -17.77 19.20
CA GLU A 40 4.04 -18.13 18.88
C GLU A 40 4.11 -19.60 18.48
N GLU A 41 3.25 -20.40 19.09
CA GLU A 41 3.18 -21.82 18.79
C GLU A 41 2.47 -22.03 17.45
N ALA A 42 1.47 -21.20 17.19
CA ALA A 42 0.71 -21.26 15.96
C ALA A 42 1.61 -20.93 14.77
N LEU A 43 2.49 -19.94 14.97
CA LEU A 43 3.42 -19.52 13.93
C LEU A 43 4.44 -20.58 13.54
N LEU A 44 4.94 -21.30 14.54
CA LEU A 44 5.93 -22.35 14.28
C LEU A 44 5.27 -23.51 13.54
N GLN A 45 4.06 -23.87 13.96
CA GLN A 45 3.32 -24.95 13.32
C GLN A 45 3.00 -24.56 11.89
N PHE A 46 2.59 -23.31 11.71
CA PHE A 46 2.23 -22.77 10.40
C PHE A 46 3.42 -22.85 9.45
N ARG A 47 4.58 -22.39 9.90
CA ARG A 47 5.77 -22.43 9.05
C ARG A 47 6.16 -23.87 8.77
N SER A 48 6.08 -24.72 9.78
CA SER A 48 6.42 -26.13 9.62
C SER A 48 5.62 -26.74 8.48
N ILE A 49 4.31 -26.51 8.50
CA ILE A 49 3.42 -27.03 7.47
C ILE A 49 3.82 -26.54 6.07
N LEU A 50 4.13 -25.26 5.96
CA LEU A 50 4.52 -24.69 4.66
C LEU A 50 5.87 -25.23 4.20
N LEU A 51 6.79 -25.37 5.16
CA LEU A 51 8.13 -25.88 4.88
C LEU A 51 8.01 -27.31 4.35
N GLU A 52 7.06 -28.05 4.90
CA GLU A 52 6.82 -29.43 4.50
C GLU A 52 6.22 -29.47 3.09
N LYS A 53 5.52 -28.41 2.70
CA LYS A 53 4.92 -28.34 1.37
C LYS A 53 5.93 -27.85 0.35
N ASN A 54 7.14 -27.63 0.83
CA ASN A 54 8.27 -27.18 0.02
C ASN A 54 8.25 -25.72 -0.40
N TYR A 55 7.68 -24.87 0.45
CA TYR A 55 7.67 -23.44 0.18
C TYR A 55 8.99 -22.95 0.73
N LYS A 56 9.56 -21.93 0.09
CA LYS A 56 10.86 -21.40 0.50
C LYS A 56 10.85 -19.92 0.84
N GLU A 57 10.27 -19.12 -0.04
CA GLU A 57 10.22 -17.68 0.17
C GLU A 57 9.02 -17.18 0.95
N ARG A 58 9.11 -15.95 1.41
CA ARG A 58 8.02 -15.32 2.16
C ARG A 58 7.56 -16.15 3.36
N LEU A 59 8.51 -16.72 4.09
CA LEU A 59 8.21 -17.52 5.27
C LEU A 59 8.72 -16.87 6.56
N ASP A 60 9.10 -15.60 6.46
CA ASP A 60 9.60 -14.86 7.61
C ASP A 60 8.43 -14.52 8.54
N ASP A 61 8.75 -14.23 9.80
CA ASP A 61 7.74 -13.90 10.82
C ASP A 61 6.72 -12.87 10.39
N SER A 62 7.19 -11.77 9.82
CA SER A 62 6.29 -10.70 9.41
C SER A 62 5.23 -11.18 8.41
N THR A 63 5.69 -11.83 7.34
CA THR A 63 4.77 -12.33 6.33
C THR A 63 3.79 -13.33 6.89
N LEU A 64 4.31 -14.33 7.60
CA LEU A 64 3.46 -15.36 8.15
C LEU A 64 2.45 -14.86 9.18
N LEU A 65 2.85 -13.88 9.98
CA LEU A 65 1.94 -13.35 10.99
C LEU A 65 0.82 -12.54 10.32
N ARG A 66 1.11 -11.96 9.15
CA ARG A 66 0.08 -11.19 8.45
C ARG A 66 -1.03 -12.14 8.01
N PHE A 67 -0.66 -13.30 7.48
CA PHE A 67 -1.67 -14.27 7.08
C PHE A 67 -2.39 -14.83 8.30
N LEU A 68 -1.63 -15.13 9.35
CA LEU A 68 -2.24 -15.65 10.57
C LEU A 68 -3.25 -14.67 11.13
N ARG A 69 -2.88 -13.40 11.18
CA ARG A 69 -3.79 -12.39 11.71
C ARG A 69 -5.05 -12.31 10.85
N ALA A 70 -4.86 -12.36 9.53
CA ALA A 70 -5.97 -12.27 8.59
C ALA A 70 -6.96 -13.43 8.76
N ARG A 71 -6.49 -14.54 9.32
CA ARG A 71 -7.36 -15.69 9.53
C ARG A 71 -7.51 -16.01 11.01
N LYS A 72 -7.32 -14.97 11.83
CA LYS A 72 -7.44 -15.08 13.28
C LYS A 72 -6.69 -16.28 13.85
N PHE A 73 -5.51 -16.53 13.29
CA PHE A 73 -4.65 -17.61 13.72
C PHE A 73 -5.19 -19.02 13.55
N ASP A 74 -6.13 -19.18 12.62
CA ASP A 74 -6.65 -20.50 12.33
C ASP A 74 -5.61 -21.05 11.36
N ILE A 75 -4.76 -21.95 11.85
CA ILE A 75 -3.68 -22.50 11.05
C ILE A 75 -4.06 -23.00 9.66
N ASN A 76 -5.01 -23.92 9.57
CA ASN A 76 -5.43 -24.45 8.28
C ASN A 76 -5.99 -23.38 7.34
N ALA A 77 -6.71 -22.42 7.90
CA ALA A 77 -7.28 -21.36 7.07
C ALA A 77 -6.13 -20.50 6.57
N SER A 78 -5.11 -20.32 7.41
CA SER A 78 -3.95 -19.54 7.04
C SER A 78 -3.13 -20.27 5.98
N VAL A 79 -3.00 -21.58 6.11
CA VAL A 79 -2.25 -22.37 5.15
C VAL A 79 -2.92 -22.27 3.80
N GLU A 80 -4.24 -22.38 3.81
CA GLU A 80 -5.04 -22.32 2.59
C GLU A 80 -4.90 -20.95 1.94
N MET A 81 -4.93 -19.89 2.74
CA MET A 81 -4.79 -18.55 2.21
C MET A 81 -3.42 -18.31 1.60
N PHE A 82 -2.38 -18.76 2.31
CA PHE A 82 -1.01 -18.59 1.83
C PHE A 82 -0.76 -19.40 0.56
N VAL A 83 -1.33 -20.60 0.50
CA VAL A 83 -1.15 -21.46 -0.66
C VAL A 83 -1.76 -20.83 -1.90
N GLU A 84 -2.98 -20.31 -1.77
CA GLU A 84 -3.66 -19.66 -2.90
C GLU A 84 -2.93 -18.39 -3.31
N THR A 85 -2.36 -17.69 -2.35
CA THR A 85 -1.62 -16.47 -2.65
C THR A 85 -0.42 -16.83 -3.52
N GLU A 86 0.34 -17.84 -3.11
CA GLU A 86 1.50 -18.27 -3.88
C GLU A 86 1.08 -18.70 -5.29
N ARG A 87 -0.06 -19.36 -5.38
CA ARG A 87 -0.60 -19.82 -6.66
C ARG A 87 -0.80 -18.61 -7.56
N TRP A 88 -1.54 -17.64 -7.06
CA TRP A 88 -1.82 -16.42 -7.79
C TRP A 88 -0.56 -15.66 -8.15
N ARG A 89 0.34 -15.52 -7.19
CA ARG A 89 1.59 -14.81 -7.43
C ARG A 89 2.28 -15.39 -8.65
N GLU A 90 2.31 -16.72 -8.71
CA GLU A 90 2.95 -17.41 -9.82
C GLU A 90 2.27 -17.14 -11.15
N GLU A 91 0.96 -17.38 -11.21
CA GLU A 91 0.22 -17.18 -12.45
C GLU A 91 0.12 -15.73 -12.88
N TYR A 92 0.01 -14.83 -11.90
CA TYR A 92 -0.10 -13.41 -12.19
C TYR A 92 1.24 -12.80 -12.63
N GLY A 93 2.34 -13.44 -12.22
CA GLY A 93 3.65 -12.93 -12.57
C GLY A 93 4.16 -11.94 -11.53
N ALA A 94 3.55 -11.96 -10.35
CA ALA A 94 3.91 -11.05 -9.28
C ALA A 94 5.32 -11.26 -8.74
N ASN A 95 5.85 -12.47 -8.82
CA ASN A 95 7.19 -12.73 -8.31
C ASN A 95 8.30 -12.12 -9.15
N THR A 96 7.98 -11.77 -10.38
CA THR A 96 8.95 -11.15 -11.28
C THR A 96 8.38 -9.85 -11.85
N ILE A 97 7.41 -9.27 -11.16
CA ILE A 97 6.78 -8.05 -11.65
C ILE A 97 7.75 -6.87 -11.72
N ILE A 98 8.61 -6.72 -10.72
CA ILE A 98 9.56 -5.61 -10.72
C ILE A 98 10.63 -5.82 -11.82
N GLU A 99 11.17 -7.03 -11.90
CA GLU A 99 12.18 -7.36 -12.91
C GLU A 99 11.62 -7.14 -14.32
N ASP A 100 10.43 -7.68 -14.57
CA ASP A 100 9.81 -7.57 -15.88
C ASP A 100 9.57 -6.10 -16.24
N TYR A 101 9.18 -5.30 -15.25
CA TYR A 101 8.94 -3.89 -15.48
C TYR A 101 10.25 -3.22 -15.86
N GLU A 102 11.32 -3.55 -15.13
CA GLU A 102 12.63 -2.98 -15.39
C GLU A 102 13.09 -3.29 -16.81
N ASN A 103 12.77 -4.48 -17.30
CA ASN A 103 13.16 -4.88 -18.65
C ASN A 103 12.29 -4.23 -19.72
N ASN A 104 11.23 -3.55 -19.28
CA ASN A 104 10.31 -2.87 -20.19
C ASN A 104 10.12 -1.42 -19.74
N LYS A 105 10.99 -0.97 -18.84
CA LYS A 105 10.90 0.38 -18.28
C LYS A 105 10.53 1.48 -19.27
N GLU A 106 11.32 1.63 -20.32
CA GLU A 106 11.09 2.66 -21.32
C GLU A 106 9.64 2.76 -21.78
N ALA A 107 9.09 1.66 -22.29
CA ALA A 107 7.71 1.65 -22.78
C ALA A 107 6.67 1.88 -21.68
N GLU A 108 6.77 1.14 -20.59
CA GLU A 108 5.81 1.29 -19.49
C GLU A 108 5.82 2.67 -18.85
N ASP A 109 7.00 3.26 -18.68
CA ASP A 109 7.12 4.59 -18.08
C ASP A 109 6.37 5.62 -18.93
N LYS A 110 6.50 5.49 -20.25
CA LYS A 110 5.83 6.41 -21.16
C LYS A 110 4.33 6.45 -20.95
N GLU A 111 3.72 5.29 -20.76
CA GLU A 111 2.28 5.23 -20.55
C GLU A 111 1.90 5.62 -19.13
N ARG A 112 2.76 5.29 -18.17
CA ARG A 112 2.49 5.62 -16.77
C ARG A 112 2.48 7.13 -16.59
N ILE A 113 3.40 7.81 -17.25
CA ILE A 113 3.50 9.26 -17.16
C ILE A 113 2.17 9.92 -17.54
N LYS A 114 1.50 9.36 -18.56
CA LYS A 114 0.23 9.90 -19.03
C LYS A 114 -0.92 9.66 -18.05
N LEU A 115 -0.89 8.50 -17.40
CA LEU A 115 -1.92 8.14 -16.45
C LEU A 115 -1.79 8.91 -15.12
N ALA A 116 -0.55 9.14 -14.70
CA ALA A 116 -0.28 9.85 -13.44
C ALA A 116 -0.91 11.25 -13.35
N LYS A 117 -0.80 12.01 -14.42
CA LYS A 117 -1.34 13.36 -14.52
C LYS A 117 -2.86 13.39 -14.38
N MET A 118 -3.49 12.31 -14.82
CA MET A 118 -4.94 12.16 -14.79
C MET A 118 -5.41 11.57 -13.45
N TYR A 119 -4.60 10.65 -12.93
CA TYR A 119 -4.90 9.93 -11.70
C TYR A 119 -3.66 9.93 -10.81
N PRO A 120 -3.43 11.02 -10.06
CA PRO A 120 -2.28 11.13 -9.17
C PRO A 120 -2.22 10.01 -8.14
N GLN A 121 -1.06 9.35 -8.06
CA GLN A 121 -0.80 8.26 -7.12
C GLN A 121 0.65 8.46 -6.67
N TYR A 122 0.83 8.86 -5.43
CA TYR A 122 2.19 9.13 -4.96
C TYR A 122 2.36 8.99 -3.47
N TYR A 123 3.57 8.64 -3.05
CA TYR A 123 3.89 8.56 -1.65
C TYR A 123 4.58 9.86 -1.32
N HIS A 124 4.34 10.39 -0.13
CA HIS A 124 4.98 11.62 0.28
C HIS A 124 5.30 11.51 1.76
N HIS A 125 6.50 11.02 2.05
CA HIS A 125 6.97 10.86 3.42
C HIS A 125 6.24 9.77 4.19
N VAL A 126 6.09 9.95 5.50
CA VAL A 126 5.47 8.95 6.36
C VAL A 126 4.53 9.59 7.37
N ASP A 127 3.78 8.75 8.09
CA ASP A 127 2.88 9.26 9.12
C ASP A 127 3.68 9.24 10.44
N LYS A 128 3.04 9.66 11.53
CA LYS A 128 3.73 9.70 12.82
C LYS A 128 4.34 8.37 13.26
N ASP A 129 3.80 7.26 12.76
CA ASP A 129 4.32 5.94 13.15
C ASP A 129 5.40 5.43 12.18
N GLY A 130 5.74 6.26 11.21
CA GLY A 130 6.75 5.86 10.24
C GLY A 130 6.23 5.12 9.03
N ARG A 131 4.91 4.97 8.93
CA ARG A 131 4.30 4.27 7.80
C ARG A 131 4.37 5.11 6.52
N PRO A 132 4.66 4.46 5.38
CA PRO A 132 4.72 5.22 4.14
C PRO A 132 3.37 5.94 3.95
N LEU A 133 3.43 7.24 3.61
CA LEU A 133 2.22 8.04 3.41
C LEU A 133 1.86 8.07 1.94
N TYR A 134 0.71 7.49 1.61
CA TYR A 134 0.26 7.37 0.22
C TYR A 134 -0.96 8.22 -0.13
N PHE A 135 -0.88 8.91 -1.27
CA PHE A 135 -1.96 9.78 -1.75
C PHE A 135 -2.44 9.40 -3.15
N GLU A 136 -3.74 9.52 -3.36
CA GLU A 136 -4.37 9.30 -4.65
C GLU A 136 -5.41 10.40 -4.80
N GLU A 137 -5.50 10.98 -5.99
CA GLU A 137 -6.48 12.03 -6.23
C GLU A 137 -7.33 11.52 -7.39
N LEU A 138 -8.64 11.45 -7.18
CA LEU A 138 -9.57 10.94 -8.17
C LEU A 138 -10.40 11.97 -8.95
N GLY A 139 -10.46 13.18 -8.43
CA GLY A 139 -11.24 14.23 -9.05
C GLY A 139 -10.87 14.66 -10.46
N GLY A 140 -9.66 14.34 -10.91
CA GLY A 140 -9.25 14.72 -12.25
C GLY A 140 -9.48 13.63 -13.29
N ILE A 141 -10.05 12.52 -12.85
CA ILE A 141 -10.31 11.40 -13.76
C ILE A 141 -11.55 11.59 -14.62
N ASN A 142 -11.37 11.45 -15.93
CA ASN A 142 -12.49 11.52 -16.85
C ASN A 142 -12.44 10.10 -17.40
N LEU A 143 -13.39 9.26 -16.98
CA LEU A 143 -13.39 7.87 -17.41
C LEU A 143 -13.17 7.67 -18.90
N LYS A 144 -13.91 8.40 -19.72
CA LYS A 144 -13.78 8.26 -21.17
C LYS A 144 -12.33 8.46 -21.63
N LYS A 145 -11.71 9.54 -21.17
CA LYS A 145 -10.34 9.84 -21.58
C LYS A 145 -9.38 8.80 -21.01
N MET A 146 -9.69 8.32 -19.81
CA MET A 146 -8.86 7.33 -19.17
C MET A 146 -8.86 6.00 -19.88
N TYR A 147 -10.02 5.57 -20.36
CA TYR A 147 -10.13 4.30 -21.06
C TYR A 147 -9.45 4.31 -22.41
N LYS A 148 -9.03 5.50 -22.85
CA LYS A 148 -8.33 5.62 -24.12
C LYS A 148 -6.82 5.45 -23.96
N ILE A 149 -6.31 5.65 -22.75
CA ILE A 149 -4.87 5.53 -22.52
C ILE A 149 -4.47 4.34 -21.66
N THR A 150 -5.44 3.70 -21.01
CA THR A 150 -5.12 2.56 -20.16
C THR A 150 -6.31 1.61 -20.04
N THR A 151 -6.17 0.59 -19.20
CA THR A 151 -7.23 -0.39 -18.99
C THR A 151 -7.25 -0.76 -17.51
N GLU A 152 -8.40 -1.23 -17.02
CA GLU A 152 -8.50 -1.62 -15.62
C GLU A 152 -7.45 -2.67 -15.32
N LYS A 153 -7.24 -3.56 -16.29
CA LYS A 153 -6.26 -4.63 -16.17
C LYS A 153 -4.90 -4.06 -15.81
N GLN A 154 -4.48 -3.06 -16.57
CA GLN A 154 -3.19 -2.42 -16.37
C GLN A 154 -3.08 -1.69 -15.05
N MET A 155 -4.15 -1.01 -14.66
CA MET A 155 -4.14 -0.28 -13.40
C MET A 155 -3.99 -1.26 -12.24
N LEU A 156 -4.56 -2.46 -12.40
CA LEU A 156 -4.46 -3.48 -11.35
C LEU A 156 -3.02 -3.99 -11.28
N ARG A 157 -2.37 -4.14 -12.42
CA ARG A 157 -1.01 -4.62 -12.44
C ARG A 157 -0.09 -3.55 -11.84
N ASN A 158 -0.41 -2.29 -12.08
CA ASN A 158 0.34 -1.18 -11.51
C ASN A 158 0.24 -1.26 -10.00
N LEU A 159 -0.96 -1.54 -9.52
CA LEU A 159 -1.24 -1.68 -8.09
C LEU A 159 -0.40 -2.82 -7.53
N VAL A 160 -0.46 -3.98 -8.18
CA VAL A 160 0.31 -5.13 -7.74
C VAL A 160 1.80 -4.81 -7.72
N LYS A 161 2.30 -4.18 -8.78
CA LYS A 161 3.71 -3.83 -8.81
C LYS A 161 4.06 -2.97 -7.59
N GLU A 162 3.25 -1.95 -7.32
CA GLU A 162 3.50 -1.09 -6.16
C GLU A 162 3.50 -1.92 -4.87
N TYR A 163 2.63 -2.91 -4.78
CA TYR A 163 2.62 -3.74 -3.58
C TYR A 163 3.99 -4.37 -3.41
N GLU A 164 4.55 -4.84 -4.52
CA GLU A 164 5.88 -5.46 -4.49
C GLU A 164 6.98 -4.45 -4.16
N LEU A 165 6.87 -3.23 -4.70
CA LEU A 165 7.85 -2.19 -4.44
C LEU A 165 7.75 -1.76 -2.97
N PHE A 166 6.53 -1.77 -2.45
CA PHE A 166 6.29 -1.41 -1.07
C PHE A 166 7.07 -2.34 -0.15
N ALA A 167 6.88 -3.64 -0.32
CA ALA A 167 7.55 -4.65 0.50
C ALA A 167 9.05 -4.73 0.27
N THR A 168 9.47 -4.51 -0.97
CA THR A 168 10.87 -4.60 -1.35
C THR A 168 11.75 -3.43 -0.94
N TYR A 169 11.23 -2.22 -1.15
CA TYR A 169 11.97 -0.99 -0.88
C TYR A 169 11.48 -0.07 0.22
N ARG A 170 10.18 0.15 0.27
CA ARG A 170 9.62 1.05 1.26
C ARG A 170 9.69 0.52 2.68
N VAL A 171 9.35 -0.75 2.87
CA VAL A 171 9.37 -1.35 4.20
C VAL A 171 10.77 -1.38 4.84
N PRO A 172 11.79 -1.89 4.13
CA PRO A 172 13.12 -1.93 4.72
C PRO A 172 13.59 -0.54 5.17
N ALA A 173 13.48 0.43 4.27
CA ALA A 173 13.90 1.79 4.53
C ALA A 173 13.14 2.45 5.67
N CYS A 174 11.81 2.36 5.63
CA CYS A 174 10.99 2.97 6.67
C CYS A 174 11.20 2.29 8.02
N SER A 175 11.51 0.99 8.00
CA SER A 175 11.75 0.26 9.23
C SER A 175 13.10 0.66 9.84
N ARG A 176 14.09 0.89 8.99
CA ARG A 176 15.41 1.30 9.47
C ARG A 176 15.31 2.68 10.09
N ARG A 177 14.52 3.55 9.46
CA ARG A 177 14.33 4.90 9.96
C ARG A 177 13.55 4.91 11.26
N ALA A 178 12.41 4.23 11.28
CA ALA A 178 11.56 4.17 12.46
C ALA A 178 12.20 3.46 13.64
N GLY A 179 13.08 2.52 13.37
CA GLY A 179 13.72 1.80 14.46
C GLY A 179 12.99 0.50 14.74
N TYR A 180 11.86 0.31 14.07
CA TYR A 180 11.08 -0.90 14.25
C TYR A 180 10.45 -1.27 12.92
N LEU A 181 9.93 -2.49 12.85
CA LEU A 181 9.31 -2.99 11.62
C LEU A 181 8.03 -2.28 11.21
N ILE A 182 7.99 -1.87 9.95
CA ILE A 182 6.82 -1.21 9.37
C ILE A 182 6.21 -2.23 8.41
N GLU A 183 4.92 -2.51 8.54
CA GLU A 183 4.29 -3.49 7.66
C GLU A 183 3.11 -2.89 6.91
N THR A 184 2.71 -1.68 7.30
CA THR A 184 1.55 -1.04 6.70
C THR A 184 1.76 0.35 6.17
N SER A 185 0.70 0.90 5.55
CA SER A 185 0.76 2.23 5.01
C SER A 185 -0.35 3.10 5.56
N CYS A 186 -0.20 4.41 5.37
CA CYS A 186 -1.19 5.39 5.78
C CYS A 186 -1.63 6.00 4.45
N THR A 187 -2.89 5.76 4.08
CA THR A 187 -3.41 6.23 2.81
C THR A 187 -4.43 7.35 2.90
N VAL A 188 -4.32 8.29 1.97
CA VAL A 188 -5.26 9.40 1.91
C VAL A 188 -5.85 9.40 0.49
N LEU A 189 -7.13 9.07 0.40
CA LEU A 189 -7.85 9.03 -0.87
C LEU A 189 -8.61 10.34 -1.00
N ASP A 190 -8.19 11.18 -1.94
CA ASP A 190 -8.81 12.47 -2.15
C ASP A 190 -9.86 12.40 -3.24
N LEU A 191 -11.12 12.57 -2.86
CA LEU A 191 -12.21 12.50 -3.81
C LEU A 191 -12.73 13.85 -4.24
N LYS A 192 -11.98 14.92 -3.95
CA LYS A 192 -12.45 16.24 -4.33
C LYS A 192 -12.69 16.32 -5.83
N GLY A 193 -13.90 16.68 -6.21
CA GLY A 193 -14.21 16.82 -7.62
C GLY A 193 -14.85 15.63 -8.34
N ILE A 194 -14.98 14.48 -7.69
CA ILE A 194 -15.60 13.34 -8.36
C ILE A 194 -17.12 13.48 -8.30
N SER A 195 -17.79 12.76 -9.19
CA SER A 195 -19.25 12.77 -9.20
C SER A 195 -19.67 11.50 -8.48
N LEU A 196 -20.62 11.63 -7.55
CA LEU A 196 -21.12 10.48 -6.80
C LEU A 196 -21.50 9.41 -7.83
N SER A 197 -21.96 9.86 -8.99
CA SER A 197 -22.37 8.97 -10.07
C SER A 197 -21.23 8.09 -10.58
N ASN A 198 -20.05 8.69 -10.78
CA ASN A 198 -18.91 7.91 -11.26
C ASN A 198 -18.43 6.94 -10.20
N ALA A 199 -18.64 7.30 -8.93
CA ALA A 199 -18.24 6.42 -7.84
C ALA A 199 -18.95 5.09 -8.05
N TYR A 200 -20.27 5.16 -8.26
CA TYR A 200 -21.07 3.98 -8.50
C TYR A 200 -20.61 3.25 -9.75
N HIS A 201 -20.30 4.02 -10.79
CA HIS A 201 -19.88 3.45 -12.07
C HIS A 201 -18.66 2.55 -12.07
N VAL A 202 -17.70 2.82 -11.18
CA VAL A 202 -16.48 2.01 -11.13
C VAL A 202 -16.47 0.97 -10.00
N LEU A 203 -17.65 0.72 -9.42
CA LEU A 203 -17.76 -0.25 -8.34
C LEU A 203 -17.02 -1.54 -8.71
N SER A 204 -17.16 -1.93 -9.97
CA SER A 204 -16.53 -3.14 -10.49
C SER A 204 -15.02 -3.16 -10.32
N TYR A 205 -14.37 -2.06 -10.68
CA TYR A 205 -12.92 -1.98 -10.55
C TYR A 205 -12.53 -1.99 -9.08
N ILE A 206 -13.29 -1.28 -8.26
CA ILE A 206 -13.03 -1.21 -6.83
C ILE A 206 -13.07 -2.62 -6.24
N LYS A 207 -13.97 -3.45 -6.75
CA LYS A 207 -14.06 -4.81 -6.26
C LYS A 207 -12.79 -5.58 -6.60
N ASP A 208 -12.31 -5.41 -7.84
CA ASP A 208 -11.10 -6.09 -8.25
C ASP A 208 -9.91 -5.68 -7.39
N VAL A 209 -9.84 -4.39 -7.07
CA VAL A 209 -8.76 -3.89 -6.24
C VAL A 209 -8.87 -4.53 -4.86
N ALA A 210 -10.09 -4.59 -4.34
CA ALA A 210 -10.36 -5.17 -3.03
C ALA A 210 -10.02 -6.65 -2.99
N ASP A 211 -10.36 -7.37 -4.05
CA ASP A 211 -10.08 -8.80 -4.10
C ASP A 211 -8.59 -9.10 -4.00
N ILE A 212 -7.79 -8.43 -4.82
CA ILE A 212 -6.35 -8.65 -4.81
C ILE A 212 -5.73 -8.30 -3.45
N SER A 213 -6.13 -7.16 -2.91
CA SER A 213 -5.61 -6.71 -1.63
C SER A 213 -6.01 -7.60 -0.45
N GLN A 214 -7.31 -7.86 -0.33
CA GLN A 214 -7.83 -8.68 0.76
C GLN A 214 -7.27 -10.11 0.73
N ASN A 215 -7.23 -10.68 -0.48
CA ASN A 215 -6.81 -12.07 -0.65
C ASN A 215 -5.31 -12.32 -0.71
N TYR A 216 -4.55 -11.40 -1.32
CA TYR A 216 -3.13 -11.63 -1.50
C TYR A 216 -2.20 -10.70 -0.75
N TYR A 217 -2.75 -9.67 -0.12
CA TYR A 217 -1.91 -8.73 0.62
C TYR A 217 -2.50 -8.41 1.98
N PRO A 218 -2.79 -9.45 2.77
CA PRO A 218 -3.38 -9.31 4.10
C PRO A 218 -2.56 -8.47 5.08
N GLU A 219 -3.27 -7.76 5.95
CA GLU A 219 -2.65 -6.94 6.97
C GLU A 219 -1.65 -5.91 6.46
N ARG A 220 -1.92 -5.31 5.30
CA ARG A 220 -1.05 -4.27 4.75
C ARG A 220 -1.65 -2.88 4.96
N MET A 221 -2.92 -2.81 5.35
CA MET A 221 -3.56 -1.52 5.58
C MET A 221 -3.33 -1.02 7.02
N GLY A 222 -2.89 0.22 7.16
CA GLY A 222 -2.64 0.77 8.48
C GLY A 222 -3.75 1.75 8.82
N LYS A 223 -3.79 2.84 8.07
CA LYS A 223 -4.80 3.88 8.22
C LYS A 223 -5.23 4.21 6.79
N PHE A 224 -6.53 4.43 6.59
CA PHE A 224 -7.04 4.73 5.26
C PHE A 224 -8.10 5.82 5.34
N TYR A 225 -7.76 7.03 4.92
CA TYR A 225 -8.69 8.15 4.97
C TYR A 225 -9.26 8.54 3.62
N ILE A 226 -10.54 8.87 3.61
CA ILE A 226 -11.22 9.30 2.40
C ILE A 226 -11.67 10.73 2.67
N ILE A 227 -11.11 11.67 1.93
CA ILE A 227 -11.43 13.08 2.12
C ILE A 227 -12.11 13.70 0.92
N HIS A 228 -12.83 14.80 1.17
CA HIS A 228 -13.53 15.53 0.13
C HIS A 228 -14.55 14.67 -0.63
N SER A 229 -15.13 13.68 0.04
CA SER A 229 -16.12 12.84 -0.65
C SER A 229 -17.40 13.65 -0.79
N PRO A 230 -18.08 13.53 -1.93
CA PRO A 230 -19.33 14.26 -2.18
C PRO A 230 -20.46 13.79 -1.27
N PHE A 231 -21.49 14.60 -1.13
CA PHE A 231 -22.64 14.22 -0.32
C PHE A 231 -23.22 12.95 -0.93
N GLY A 232 -23.62 12.02 -0.07
CA GLY A 232 -24.19 10.78 -0.57
C GLY A 232 -23.17 9.66 -0.73
N PHE A 233 -21.89 10.01 -0.67
CA PHE A 233 -20.85 9.00 -0.81
C PHE A 233 -21.03 7.86 0.18
N SER A 234 -21.35 8.19 1.43
CA SER A 234 -21.55 7.20 2.47
C SER A 234 -22.47 6.09 2.00
N THR A 235 -23.46 6.44 1.18
CA THR A 235 -24.41 5.47 0.66
C THR A 235 -23.74 4.58 -0.39
N MET A 236 -22.99 5.20 -1.28
CA MET A 236 -22.29 4.45 -2.32
C MET A 236 -21.29 3.50 -1.65
N PHE A 237 -20.70 3.94 -0.54
CA PHE A 237 -19.74 3.12 0.16
C PHE A 237 -20.39 1.87 0.75
N LYS A 238 -21.70 1.92 0.97
CA LYS A 238 -22.42 0.77 1.51
C LYS A 238 -22.28 -0.41 0.55
N MET A 239 -22.07 -0.10 -0.72
CA MET A 239 -21.92 -1.12 -1.76
C MET A 239 -20.49 -1.67 -1.84
N VAL A 240 -19.55 -0.98 -1.22
CA VAL A 240 -18.16 -1.40 -1.22
C VAL A 240 -17.88 -2.33 -0.04
N LYS A 241 -18.51 -2.04 1.09
CA LYS A 241 -18.33 -2.81 2.31
C LYS A 241 -18.60 -4.31 2.14
N PRO A 242 -19.54 -4.68 1.25
CA PRO A 242 -19.83 -6.10 1.07
C PRO A 242 -18.58 -6.93 0.76
N PHE A 243 -17.64 -6.38 0.01
CA PHE A 243 -16.44 -7.14 -0.29
C PHE A 243 -15.20 -6.76 0.51
N LEU A 244 -15.43 -6.16 1.68
CA LEU A 244 -14.33 -5.79 2.57
C LEU A 244 -14.53 -6.50 3.90
N ASP A 245 -13.47 -7.09 4.44
CA ASP A 245 -13.58 -7.76 5.72
C ASP A 245 -13.81 -6.68 6.77
N PRO A 246 -14.47 -7.03 7.88
CA PRO A 246 -14.74 -6.05 8.95
C PRO A 246 -13.47 -5.34 9.41
N VAL A 247 -12.38 -6.09 9.54
CA VAL A 247 -11.11 -5.52 9.97
C VAL A 247 -10.71 -4.36 9.04
N THR A 248 -10.87 -4.58 7.75
CA THR A 248 -10.54 -3.58 6.74
C THR A 248 -11.42 -2.34 6.87
N VAL A 249 -12.72 -2.56 7.03
CA VAL A 249 -13.66 -1.46 7.17
C VAL A 249 -13.33 -0.60 8.38
N SER A 250 -12.87 -1.23 9.46
CA SER A 250 -12.54 -0.47 10.66
C SER A 250 -11.31 0.42 10.46
N LYS A 251 -10.56 0.21 9.38
CA LYS A 251 -9.38 1.01 9.10
C LYS A 251 -9.72 2.21 8.21
N ILE A 252 -10.90 2.14 7.59
CA ILE A 252 -11.35 3.19 6.69
C ILE A 252 -12.11 4.31 7.40
N PHE A 253 -11.69 5.55 7.17
CA PHE A 253 -12.33 6.69 7.78
C PHE A 253 -12.69 7.74 6.75
N ILE A 254 -14.00 7.97 6.59
CA ILE A 254 -14.51 8.96 5.66
C ILE A 254 -14.61 10.23 6.50
N LEU A 255 -13.71 11.18 6.21
CA LEU A 255 -13.64 12.43 6.95
C LEU A 255 -14.53 13.54 6.42
N GLY A 256 -14.90 14.46 7.31
CA GLY A 256 -15.75 15.56 6.94
C GLY A 256 -14.97 16.85 6.77
N SER A 257 -15.64 17.97 7.01
CA SER A 257 -15.03 19.29 6.86
C SER A 257 -13.77 19.49 7.71
N SER A 258 -13.70 18.78 8.83
CA SER A 258 -12.55 18.89 9.73
C SER A 258 -11.43 17.90 9.41
N TYR A 259 -11.40 17.38 8.18
CA TYR A 259 -10.40 16.38 7.81
C TYR A 259 -8.93 16.74 8.08
N LYS A 260 -8.55 17.99 7.84
CA LYS A 260 -7.17 18.41 8.09
C LYS A 260 -6.75 18.16 9.52
N LYS A 261 -7.67 18.40 10.46
CA LYS A 261 -7.39 18.19 11.87
C LYS A 261 -7.21 16.72 12.20
N GLU A 262 -7.94 15.86 11.50
CA GLU A 262 -7.83 14.43 11.72
C GLU A 262 -6.52 13.91 11.13
N LEU A 263 -6.14 14.45 9.97
CA LEU A 263 -4.90 14.06 9.33
C LEU A 263 -3.71 14.51 10.17
N LEU A 264 -3.82 15.70 10.74
CA LEU A 264 -2.74 16.22 11.57
C LEU A 264 -2.53 15.41 12.84
N LYS A 265 -3.53 14.61 13.21
CA LYS A 265 -3.40 13.77 14.41
C LYS A 265 -2.54 12.54 14.10
N GLN A 266 -2.55 12.15 12.82
CA GLN A 266 -1.83 10.96 12.38
C GLN A 266 -0.54 11.22 11.60
N ILE A 267 -0.45 12.39 11.00
CA ILE A 267 0.69 12.73 10.17
C ILE A 267 1.41 14.01 10.59
N PRO A 268 2.74 13.99 10.60
CA PRO A 268 3.52 15.18 10.99
C PRO A 268 3.17 16.33 10.06
N ILE A 269 2.90 17.50 10.61
CA ILE A 269 2.53 18.64 9.80
C ILE A 269 3.52 18.91 8.68
N GLU A 270 4.80 18.70 8.97
CA GLU A 270 5.85 18.94 7.98
C GLU A 270 5.87 17.91 6.84
N ASN A 271 5.13 16.82 7.00
CA ASN A 271 5.09 15.77 5.98
C ASN A 271 3.81 15.82 5.13
N LEU A 272 2.83 16.58 5.60
CA LEU A 272 1.54 16.71 4.92
C LEU A 272 1.55 17.87 3.94
N PRO A 273 1.16 17.62 2.68
CA PRO A 273 1.12 18.69 1.68
C PRO A 273 0.28 19.87 2.18
N VAL A 274 0.63 21.07 1.74
CA VAL A 274 -0.08 22.27 2.17
C VAL A 274 -1.59 22.21 1.90
N LYS A 275 -1.99 21.75 0.72
CA LYS A 275 -3.40 21.70 0.39
C LYS A 275 -4.19 20.76 1.30
N TYR A 276 -3.49 19.91 2.04
CA TYR A 276 -4.16 19.00 2.94
C TYR A 276 -4.02 19.42 4.40
N GLY A 277 -3.55 20.65 4.63
CA GLY A 277 -3.42 21.15 5.98
C GLY A 277 -2.02 21.17 6.58
N GLY A 278 -1.03 20.69 5.83
CA GLY A 278 0.32 20.67 6.34
C GLY A 278 1.19 21.80 5.81
N THR A 279 2.51 21.62 5.87
CA THR A 279 3.41 22.66 5.37
C THR A 279 4.43 22.11 4.39
N SER A 280 4.26 20.86 3.98
CA SER A 280 5.20 20.26 3.05
C SER A 280 5.08 20.82 1.64
N VAL A 281 6.21 21.21 1.08
CA VAL A 281 6.25 21.78 -0.26
C VAL A 281 7.41 21.14 -1.00
N LEU A 282 7.19 20.80 -2.27
CA LEU A 282 8.25 20.20 -3.06
C LEU A 282 9.39 21.22 -3.15
N HIS A 283 10.63 20.74 -3.17
CA HIS A 283 11.79 21.62 -3.24
C HIS A 283 11.70 22.59 -4.41
N ASN A 284 11.15 22.11 -5.51
CA ASN A 284 10.91 22.94 -6.68
C ASN A 284 9.42 23.08 -6.97
N PRO A 285 8.83 24.17 -6.51
CA PRO A 285 7.41 24.46 -6.65
C PRO A 285 6.85 24.20 -8.06
N ASN A 286 7.74 24.01 -9.03
CA ASN A 286 7.33 23.75 -10.40
C ASN A 286 6.96 22.28 -10.56
N ASP A 287 7.59 21.42 -9.79
CA ASP A 287 7.34 19.98 -9.85
C ASP A 287 5.91 19.60 -9.44
N LYS A 288 5.47 18.44 -9.94
CA LYS A 288 4.12 17.94 -9.66
C LYS A 288 4.16 16.75 -8.71
N PHE A 289 3.23 16.71 -7.77
CA PHE A 289 3.18 15.60 -6.84
C PHE A 289 2.89 14.27 -7.54
N TYR A 290 2.21 14.34 -8.70
CA TYR A 290 1.88 13.10 -9.40
C TYR A 290 3.05 12.43 -10.13
N TYR A 291 4.23 13.04 -10.02
CA TYR A 291 5.46 12.50 -10.61
C TYR A 291 6.45 12.33 -9.47
N SER A 292 5.99 12.54 -8.25
CA SER A 292 6.86 12.44 -7.09
C SER A 292 6.83 11.11 -6.35
N ASP A 293 7.93 10.84 -5.65
CA ASP A 293 8.09 9.62 -4.87
C ASP A 293 9.13 9.94 -3.80
N ILE A 294 8.68 10.67 -2.78
CA ILE A 294 9.54 11.11 -1.68
C ILE A 294 9.32 10.33 -0.39
N GLY A 295 10.43 9.96 0.25
CA GLY A 295 10.34 9.22 1.50
C GLY A 295 11.65 8.60 1.90
N PRO A 296 11.70 7.89 3.03
CA PRO A 296 12.90 7.22 3.55
C PRO A 296 13.64 6.34 2.54
N TRP A 297 12.89 5.73 1.64
CA TRP A 297 13.45 4.85 0.61
C TRP A 297 14.26 5.63 -0.43
N ARG A 298 14.38 6.93 -0.25
CA ARG A 298 15.14 7.78 -1.15
C ARG A 298 16.36 8.31 -0.37
N ASP A 299 16.33 8.13 0.94
CA ASP A 299 17.41 8.57 1.81
C ASP A 299 18.51 7.51 1.82
N PRO A 300 19.67 7.82 1.23
CA PRO A 300 20.80 6.87 1.17
C PRO A 300 21.15 6.21 2.50
N ARG A 301 20.85 6.94 3.58
CA ARG A 301 21.10 6.45 4.93
C ARG A 301 20.18 5.29 5.34
N TYR A 302 19.05 5.13 4.65
CA TYR A 302 18.12 4.07 5.00
C TYR A 302 17.94 3.00 3.93
N ILE A 303 18.64 3.17 2.81
CA ILE A 303 18.59 2.21 1.71
C ILE A 303 19.61 1.12 2.03
N GLY A 304 19.21 -0.14 1.90
CA GLY A 304 20.11 -1.23 2.20
C GLY A 304 20.55 -2.05 1.00
N PRO A 305 20.86 -3.35 1.21
CA PRO A 305 21.30 -4.23 0.13
C PRO A 305 20.27 -4.43 -0.98
N GLU A 306 19.02 -4.07 -0.71
CA GLU A 306 17.96 -4.21 -1.71
C GLU A 306 18.16 -3.20 -2.84
N GLY A 307 18.95 -2.17 -2.58
CA GLY A 307 19.19 -1.16 -3.59
C GLY A 307 18.09 -0.12 -3.57
N GLU A 308 18.19 0.88 -4.43
CA GLU A 308 17.19 1.94 -4.48
C GLU A 308 16.05 1.62 -5.43
N ILE A 309 14.85 1.98 -4.97
CA ILE A 309 13.61 1.77 -5.72
C ILE A 309 13.71 2.38 -7.12
N PRO A 310 13.14 1.71 -8.14
CA PRO A 310 13.20 2.26 -9.49
C PRO A 310 12.31 3.50 -9.60
N ASN A 311 12.51 4.28 -10.66
CA ASN A 311 11.73 5.50 -10.88
C ASN A 311 10.55 5.26 -11.82
N ILE A 312 9.37 5.13 -11.22
CA ILE A 312 8.13 4.87 -11.93
C ILE A 312 7.71 5.92 -12.97
N PHE A 313 8.21 7.14 -12.82
CA PHE A 313 7.84 8.19 -13.76
C PHE A 313 9.04 8.58 -14.64
N GLY A 314 9.93 7.61 -14.83
CA GLY A 314 11.10 7.85 -15.65
C GLY A 314 11.88 9.09 -15.26
N LYS A 315 12.26 9.87 -16.28
CA LYS A 315 13.04 11.08 -16.08
C LYS A 315 12.30 12.15 -15.29
N PHE A 316 10.98 12.13 -15.34
CA PHE A 316 10.17 13.12 -14.64
C PHE A 316 10.00 12.83 -13.15
N THR A 317 10.52 11.70 -12.70
CA THR A 317 10.40 11.32 -11.29
C THR A 317 10.99 12.35 -10.35
N VAL A 318 10.16 12.87 -9.45
CA VAL A 318 10.60 13.86 -8.49
C VAL A 318 10.82 13.15 -7.16
N THR A 319 12.07 13.10 -6.72
CA THR A 319 12.40 12.44 -5.47
C THR A 319 12.69 13.45 -4.35
N SER A 320 12.25 14.71 -4.59
CA SER A 320 12.49 15.77 -3.62
C SER A 320 11.59 16.98 -3.87
#